data_7X1B
#
_entry.id   7X1B
#
_cell.length_a   50.442
_cell.length_b   81.715
_cell.length_c   109.234
_cell.angle_alpha   90.00
_cell.angle_beta   90.00
_cell.angle_gamma   90.00
#
_symmetry.space_group_name_H-M   'P 21 21 21'
#
loop_
_entity.id
_entity.type
_entity.pdbx_description
1 polymer HLA-B
2 polymer Beta-2-microglobulin
3 polymer LYS-ALA-GLY-GLN-VAL-VAL-THR-ILE
4 non-polymer GLYCEROL
5 water water
#
loop_
_entity_poly.entity_id
_entity_poly.type
_entity_poly.pdbx_seq_one_letter_code
_entity_poly.pdbx_strand_id
1 'polypeptide(L)'
;GSHSMRYFYTAMSRPGRGEPRFIAVGYVDDTQFVRFDSDAASPRTEPRAPWIEQEGPEYWDGETRNMKASAQTYRENLRI
ALRYYNQSEAGSHIIQRMYGCDLGPDGRLLRGHDQSAYDGKDYIALNEDLSSWTAADTAAQITQRKWEAARVAEQLRAYL
EGLCVEWLRRYLENGKETLQRADPPKTHVTHHPVSDHEATLRCWALGFYPAEITLTWQRDGEDQTQDTELVETRPAGDRT
FQKWAAVVVPSGEEQRYTCHVQHEGLPKPLTLRWEPS
;
A
2 'polypeptide(L)'
;IQRTPKIQVYSRHPAENGKSNFLNCYVSGFHPSDIEVDLLKNGERIEKVEHSDLSFSKDWSFYLLYYTEFTPTEKDEYAC
RVNHVTLSQPKIVKWDRDM
;
B
3 'polypeptide(L)' KAGQVVTI C
#
loop_
_chem_comp.id
_chem_comp.type
_chem_comp.name
_chem_comp.formula
GOL non-polymer GLYCEROL 'C3 H8 O3'
#
# COMPACT_ATOMS: atom_id res chain seq x y z
N GLY A 1 -1.30 -16.58 -13.21
CA GLY A 1 -2.64 -16.02 -13.21
C GLY A 1 -2.69 -14.60 -13.72
N SER A 2 -3.52 -13.77 -13.11
CA SER A 2 -3.71 -12.40 -13.53
C SER A 2 -2.62 -11.50 -12.94
N HIS A 3 -2.37 -10.37 -13.60
CA HIS A 3 -1.31 -9.46 -13.17
C HIS A 3 -1.71 -8.02 -13.47
N SER A 4 -1.09 -7.09 -12.77
CA SER A 4 -1.41 -5.69 -12.99
C SER A 4 -0.14 -4.84 -12.90
N MET A 5 -0.21 -3.67 -13.53
CA MET A 5 0.76 -2.60 -13.31
C MET A 5 -0.01 -1.39 -12.84
N ARG A 6 0.54 -0.69 -11.85
CA ARG A 6 -0.15 0.47 -11.30
C ARG A 6 0.89 1.51 -10.90
N TYR A 7 0.63 2.76 -11.27
CA TYR A 7 1.40 3.90 -10.80
C TYR A 7 0.55 4.71 -9.83
N PHE A 8 1.21 5.20 -8.78
CA PHE A 8 0.59 5.96 -7.70
C PHE A 8 1.33 7.28 -7.60
N TYR A 9 0.64 8.38 -7.88
CA TYR A 9 1.19 9.73 -7.81
C TYR A 9 0.56 10.50 -6.66
N THR A 10 1.40 11.22 -5.91
CA THR A 10 0.95 12.11 -4.84
C THR A 10 1.60 13.47 -5.07
N ALA A 11 0.80 14.53 -5.11
CA ALA A 11 1.29 15.89 -5.24
C ALA A 11 0.73 16.70 -4.08
N MET A 12 1.61 17.32 -3.28
CA MET A 12 1.23 17.90 -2.00
C MET A 12 1.74 19.34 -1.96
N SER A 13 0.81 20.30 -1.88
CA SER A 13 1.24 21.69 -1.70
C SER A 13 1.56 21.96 -0.23
N ARG A 14 2.35 23.02 -0.01
CA ARG A 14 2.86 23.33 1.32
C ARG A 14 3.23 24.81 1.34
N PRO A 15 2.24 25.70 1.35
CA PRO A 15 2.54 27.14 1.24
C PRO A 15 3.49 27.60 2.33
N GLY A 16 4.49 28.37 1.93
CA GLY A 16 5.49 28.84 2.85
C GLY A 16 6.67 27.92 2.94
N ARG A 17 6.58 26.73 2.36
CA ARG A 17 7.62 25.70 2.42
C ARG A 17 8.00 25.22 1.03
N GLY A 18 7.99 26.13 0.07
CA GLY A 18 8.41 25.81 -1.27
C GLY A 18 7.29 25.36 -2.17
N GLU A 19 7.69 24.83 -3.33
CA GLU A 19 6.71 24.34 -4.30
C GLU A 19 6.21 22.96 -3.92
N PRO A 20 5.09 22.53 -4.49
CA PRO A 20 4.50 21.26 -4.06
C PRO A 20 5.44 20.09 -4.33
N ARG A 21 5.42 19.13 -3.41
CA ARG A 21 6.21 17.91 -3.57
C ARG A 21 5.45 16.92 -4.46
N PHE A 22 6.19 16.24 -5.33
CA PHE A 22 5.63 15.19 -6.18
C PHE A 22 6.36 13.89 -5.91
N ILE A 23 5.60 12.84 -5.58
CA ILE A 23 6.13 11.49 -5.38
C ILE A 23 5.39 10.55 -6.30
N ALA A 24 6.14 9.68 -6.98
CA ALA A 24 5.55 8.66 -7.83
C ALA A 24 6.17 7.32 -7.48
N VAL A 25 5.34 6.29 -7.40
CA VAL A 25 5.82 4.92 -7.29
C VAL A 25 5.10 4.04 -8.31
N GLY A 26 5.80 3.04 -8.79
CA GLY A 26 5.23 2.09 -9.74
C GLY A 26 5.30 0.68 -9.16
N TYR A 27 4.23 -0.10 -9.37
CA TYR A 27 4.13 -1.48 -8.92
C TYR A 27 3.76 -2.40 -10.07
N VAL A 28 4.30 -3.60 -10.01
CA VAL A 28 3.72 -4.74 -10.72
C VAL A 28 3.19 -5.66 -9.64
N ASP A 29 1.88 -5.91 -9.68
CA ASP A 29 1.21 -6.67 -8.62
C ASP A 29 1.54 -5.99 -7.30
N ASP A 30 2.07 -6.73 -6.31
CA ASP A 30 2.42 -6.17 -5.00
C ASP A 30 3.91 -5.91 -4.86
N THR A 31 4.62 -5.72 -5.98
CA THR A 31 6.06 -5.49 -6.01
C THR A 31 6.31 -4.08 -6.53
N GLN A 32 6.88 -3.22 -5.69
CA GLN A 32 7.28 -1.91 -6.17
C GLN A 32 8.53 -2.05 -7.04
N PHE A 33 8.59 -1.30 -8.15
CA PHE A 33 9.76 -1.37 -9.01
C PHE A 33 10.42 -0.03 -9.36
N VAL A 34 9.72 1.10 -9.21
CA VAL A 34 10.34 2.40 -9.44
C VAL A 34 9.83 3.39 -8.41
N ARG A 35 10.63 4.43 -8.19
CA ARG A 35 10.21 5.56 -7.37
C ARG A 35 10.76 6.85 -7.96
N PHE A 36 10.11 7.96 -7.60
CA PHE A 36 10.58 9.30 -7.92
C PHE A 36 10.10 10.24 -6.81
N ASP A 37 10.97 11.13 -6.38
CA ASP A 37 10.62 12.11 -5.34
C ASP A 37 11.25 13.45 -5.71
N SER A 38 10.41 14.47 -5.91
CA SER A 38 10.92 15.78 -6.30
C SER A 38 11.75 16.43 -5.21
N ASP A 39 11.66 15.93 -3.97
CA ASP A 39 12.48 16.46 -2.88
C ASP A 39 13.84 15.79 -2.77
N ALA A 40 14.10 14.75 -3.56
CA ALA A 40 15.42 14.12 -3.53
C ALA A 40 16.51 15.12 -3.93
N ALA A 41 17.73 14.86 -3.47
CA ALA A 41 18.83 15.77 -3.79
C ALA A 41 18.98 15.97 -5.30
N SER A 42 18.85 14.89 -6.08
CA SER A 42 18.88 14.94 -7.54
C SER A 42 17.75 14.06 -7.99
N PRO A 43 16.54 14.61 -8.17
CA PRO A 43 15.39 13.75 -8.48
C PRO A 43 15.59 12.97 -9.78
N ARG A 44 15.38 11.66 -9.70
CA ARG A 44 15.43 10.81 -10.86
C ARG A 44 14.52 9.63 -10.59
N THR A 45 13.98 9.03 -11.65
CA THR A 45 13.29 7.78 -11.47
C THR A 45 14.33 6.71 -11.13
N GLU A 46 14.11 5.98 -10.03
CA GLU A 46 15.10 5.05 -9.51
C GLU A 46 14.54 3.64 -9.42
N PRO A 47 15.39 2.62 -9.60
CA PRO A 47 14.92 1.22 -9.53
C PRO A 47 14.67 0.82 -8.09
N ARG A 48 13.65 -0.02 -7.91
CA ARG A 48 13.33 -0.54 -6.59
C ARG A 48 13.11 -2.05 -6.60
N ALA A 49 13.34 -2.71 -7.74
CA ALA A 49 13.27 -4.15 -7.86
C ALA A 49 14.45 -4.59 -8.73
N PRO A 50 15.01 -5.76 -8.49
CA PRO A 50 16.21 -6.14 -9.26
C PRO A 50 15.98 -6.31 -10.76
N TRP A 51 14.79 -6.74 -11.20
CA TRP A 51 14.57 -7.03 -12.62
C TRP A 51 14.37 -5.78 -13.48
N ILE A 52 14.21 -4.60 -12.88
CA ILE A 52 14.13 -3.38 -13.67
C ILE A 52 15.52 -2.78 -13.91
N GLU A 53 16.53 -3.23 -13.16
CA GLU A 53 17.84 -2.60 -13.22
C GLU A 53 18.48 -2.77 -14.59
N GLN A 54 18.12 -3.83 -15.31
CA GLN A 54 18.69 -4.04 -16.64
C GLN A 54 18.25 -3.01 -17.65
N GLU A 55 17.16 -2.27 -17.40
CA GLU A 55 16.74 -1.28 -18.39
C GLU A 55 17.86 -0.27 -18.57
N GLY A 56 18.05 0.20 -19.81
CA GLY A 56 19.18 1.03 -20.12
C GLY A 56 18.93 2.50 -19.85
N PRO A 57 19.95 3.32 -20.13
CA PRO A 57 19.85 4.76 -19.85
C PRO A 57 18.69 5.45 -20.56
N GLU A 58 18.32 5.03 -21.77
CA GLU A 58 17.17 5.64 -22.43
C GLU A 58 15.90 5.47 -21.59
N TYR A 59 15.74 4.30 -20.98
CA TYR A 59 14.59 4.06 -20.12
C TYR A 59 14.59 5.03 -18.95
N TRP A 60 15.70 5.09 -18.20
CA TRP A 60 15.75 5.89 -16.97
C TRP A 60 15.64 7.37 -17.30
N ASP A 61 16.33 7.83 -18.35
CA ASP A 61 16.23 9.23 -18.74
C ASP A 61 14.81 9.57 -19.17
N GLY A 62 14.14 8.65 -19.89
CA GLY A 62 12.80 8.93 -20.35
C GLY A 62 11.81 9.00 -19.21
N GLU A 63 11.95 8.06 -18.25
CA GLU A 63 11.04 8.08 -17.10
C GLU A 63 11.28 9.31 -16.25
N THR A 64 12.56 9.71 -16.08
CA THR A 64 12.84 10.89 -15.28
C THR A 64 12.28 12.15 -15.93
N ARG A 65 12.48 12.31 -17.24
CA ARG A 65 11.90 13.47 -17.93
C ARG A 65 10.39 13.48 -17.77
N ASN A 66 9.75 12.31 -17.90
CA ASN A 66 8.31 12.23 -17.73
C ASN A 66 7.90 12.65 -16.33
N MET A 67 8.58 12.13 -15.29
CA MET A 67 8.19 12.46 -13.92
C MET A 67 8.41 13.93 -13.61
N LYS A 68 9.48 14.53 -14.14
CA LYS A 68 9.70 15.95 -13.89
C LYS A 68 8.59 16.78 -14.54
N ALA A 69 8.24 16.44 -15.79
CA ALA A 69 7.17 17.17 -16.46
C ALA A 69 5.85 16.95 -15.74
N SER A 70 5.62 15.74 -15.24
CA SER A 70 4.42 15.44 -14.46
C SER A 70 4.37 16.28 -13.18
N ALA A 71 5.50 16.38 -12.47
CA ALA A 71 5.53 17.20 -11.26
C ALA A 71 5.11 18.63 -11.57
N GLN A 72 5.65 19.19 -12.67
CA GLN A 72 5.28 20.56 -13.04
C GLN A 72 3.79 20.67 -13.35
N THR A 73 3.24 19.70 -14.07
CA THR A 73 1.81 19.74 -14.37
C THR A 73 0.97 19.63 -13.11
N TYR A 74 1.41 18.84 -12.13
CA TYR A 74 0.63 18.75 -10.90
C TYR A 74 0.73 20.04 -10.09
N ARG A 75 1.85 20.76 -10.16
CA ARG A 75 1.88 22.05 -9.50
C ARG A 75 0.83 22.98 -10.11
N GLU A 76 0.71 22.94 -11.44
CA GLU A 76 -0.35 23.72 -12.06
C GLU A 76 -1.74 23.21 -11.61
N ASN A 77 -1.92 21.90 -11.53
CA ASN A 77 -3.21 21.36 -11.17
C ASN A 77 -3.61 21.75 -9.76
N LEU A 78 -2.65 21.85 -8.83
CA LEU A 78 -2.98 22.28 -7.47
C LEU A 78 -3.44 23.73 -7.50
N ARG A 79 -2.81 24.57 -8.31
CA ARG A 79 -3.28 25.96 -8.44
C ARG A 79 -4.69 26.00 -9.02
N ILE A 80 -4.94 25.19 -10.05
CA ILE A 80 -6.28 25.18 -10.66
C ILE A 80 -7.32 24.72 -9.65
N ALA A 81 -6.99 23.68 -8.86
CA ALA A 81 -7.96 23.15 -7.90
C ALA A 81 -8.39 24.22 -6.89
N LEU A 82 -7.47 25.10 -6.51
CA LEU A 82 -7.87 26.22 -5.64
C LEU A 82 -9.01 27.03 -6.28
N ARG A 83 -8.89 27.32 -7.57
CA ARG A 83 -9.93 28.08 -8.26
C ARG A 83 -11.22 27.27 -8.36
N TYR A 84 -11.12 25.95 -8.56
CA TYR A 84 -12.31 25.11 -8.65
C TYR A 84 -13.06 24.96 -7.34
N TYR A 85 -12.39 25.16 -6.20
CA TYR A 85 -13.03 24.96 -4.91
C TYR A 85 -13.12 26.24 -4.09
N ASN A 86 -12.81 27.39 -4.69
CA ASN A 86 -12.86 28.68 -3.98
C ASN A 86 -11.98 28.68 -2.74
N GLN A 87 -10.79 28.12 -2.85
CA GLN A 87 -9.90 27.93 -1.70
C GLN A 87 -8.76 28.94 -1.73
N SER A 88 -8.22 29.20 -0.54
CA SER A 88 -7.16 30.18 -0.44
C SER A 88 -5.81 29.56 -0.77
N GLU A 89 -4.84 30.42 -1.00
CA GLU A 89 -3.47 30.02 -1.24
C GLU A 89 -2.71 29.65 0.03
N ALA A 90 -3.35 29.70 1.20
CA ALA A 90 -2.64 29.43 2.44
C ALA A 90 -2.68 27.96 2.86
N GLY A 91 -3.59 27.17 2.31
CA GLY A 91 -3.75 25.83 2.80
C GLY A 91 -2.93 24.82 2.03
N SER A 92 -2.66 23.69 2.68
CA SER A 92 -1.98 22.56 2.06
CA SER A 92 -1.99 22.57 2.04
C SER A 92 -3.03 21.60 1.49
N HIS A 93 -2.82 21.16 0.25
CA HIS A 93 -3.77 20.30 -0.43
C HIS A 93 -3.03 19.20 -1.16
N ILE A 94 -3.75 18.13 -1.50
CA ILE A 94 -3.12 16.96 -2.12
C ILE A 94 -3.94 16.50 -3.30
N ILE A 95 -3.28 16.29 -4.44
CA ILE A 95 -3.88 15.54 -5.55
C ILE A 95 -3.23 14.18 -5.61
N GLN A 96 -4.03 13.14 -5.79
CA GLN A 96 -3.52 11.79 -5.97
C GLN A 96 -4.06 11.20 -7.26
N ARG A 97 -3.27 10.30 -7.87
CA ARG A 97 -3.71 9.59 -9.07
C ARG A 97 -3.22 8.15 -8.98
N MET A 98 -4.07 7.21 -9.33
CA MET A 98 -3.64 5.83 -9.52
C MET A 98 -4.14 5.37 -10.86
N TYR A 99 -3.26 4.73 -11.63
CA TYR A 99 -3.64 4.31 -12.98
C TYR A 99 -2.84 3.08 -13.40
N GLY A 100 -3.37 2.36 -14.36
CA GLY A 100 -2.63 1.23 -14.91
C GLY A 100 -3.56 0.20 -15.52
N CYS A 101 -3.01 -0.99 -15.74
CA CYS A 101 -3.67 -2.01 -16.54
C CYS A 101 -3.64 -3.34 -15.82
N ASP A 102 -4.69 -4.13 -16.04
CA ASP A 102 -4.82 -5.49 -15.55
C ASP A 102 -4.86 -6.43 -16.75
N LEU A 103 -4.07 -7.51 -16.67
CA LEU A 103 -4.10 -8.61 -17.61
C LEU A 103 -4.72 -9.84 -16.95
N GLY A 104 -5.55 -10.54 -17.71
CA GLY A 104 -6.11 -11.80 -17.26
C GLY A 104 -5.12 -12.92 -17.38
N PRO A 105 -5.53 -14.10 -16.88
CA PRO A 105 -4.61 -15.26 -16.93
C PRO A 105 -4.07 -15.54 -18.32
N ASP A 106 -4.88 -15.33 -19.35
CA ASP A 106 -4.44 -15.52 -20.72
C ASP A 106 -3.37 -14.51 -21.14
N GLY A 107 -3.21 -13.41 -20.40
CA GLY A 107 -2.28 -12.37 -20.78
C GLY A 107 -2.87 -11.22 -21.58
N ARG A 108 -4.18 -11.22 -21.80
CA ARG A 108 -4.82 -10.14 -22.53
C ARG A 108 -5.26 -9.06 -21.54
N LEU A 109 -5.35 -7.83 -22.04
CA LEU A 109 -5.90 -6.73 -21.23
C LEU A 109 -7.28 -7.07 -20.70
N LEU A 110 -7.38 -7.16 -19.38
CA LEU A 110 -8.66 -7.36 -18.72
C LEU A 110 -9.37 -6.04 -18.55
N ARG A 111 -8.64 -5.02 -18.07
CA ARG A 111 -9.27 -3.71 -17.95
C ARG A 111 -8.21 -2.68 -17.60
N GLY A 112 -8.54 -1.41 -17.87
CA GLY A 112 -7.67 -0.32 -17.52
C GLY A 112 -8.26 0.53 -16.40
N HIS A 113 -7.42 1.35 -15.77
CA HIS A 113 -7.84 2.18 -14.66
C HIS A 113 -7.14 3.52 -14.74
N ASP A 114 -7.85 4.58 -14.36
CA ASP A 114 -7.22 5.88 -14.17
C ASP A 114 -8.15 6.70 -13.29
N GLN A 115 -7.78 6.89 -12.04
CA GLN A 115 -8.61 7.62 -11.09
CA GLN A 115 -8.62 7.65 -11.12
C GLN A 115 -7.77 8.67 -10.38
N SER A 116 -8.38 9.82 -10.10
CA SER A 116 -7.72 10.89 -9.36
C SER A 116 -8.61 11.35 -8.22
N ALA A 117 -7.96 11.94 -7.22
CA ALA A 117 -8.57 12.39 -5.99
C ALA A 117 -8.00 13.76 -5.62
N TYR A 118 -8.81 14.55 -4.92
CA TYR A 118 -8.37 15.82 -4.35
C TYR A 118 -8.66 15.79 -2.84
N ASP A 119 -7.64 16.04 -2.04
CA ASP A 119 -7.78 16.02 -0.59
C ASP A 119 -8.38 14.70 -0.09
N GLY A 120 -7.99 13.59 -0.72
CA GLY A 120 -8.39 12.29 -0.26
C GLY A 120 -9.78 11.83 -0.66
N LYS A 121 -10.48 12.59 -1.52
CA LYS A 121 -11.83 12.26 -1.97
C LYS A 121 -11.81 12.08 -3.48
N ASP A 122 -12.57 11.10 -3.98
CA ASP A 122 -12.71 10.90 -5.42
C ASP A 122 -12.89 12.24 -6.09
N TYR A 123 -12.15 12.43 -7.19
CA TYR A 123 -12.32 13.61 -8.02
C TYR A 123 -12.85 13.23 -9.40
N ILE A 124 -12.10 12.46 -10.17
CA ILE A 124 -12.58 12.02 -11.49
C ILE A 124 -12.02 10.65 -11.78
N ALA A 125 -12.79 9.85 -12.52
CA ALA A 125 -12.34 8.51 -12.87
C ALA A 125 -12.64 8.23 -14.34
N LEU A 126 -11.71 7.57 -15.03
CA LEU A 126 -12.00 7.05 -16.34
C LEU A 126 -12.89 5.84 -16.18
N ASN A 127 -13.96 5.78 -16.96
CA ASN A 127 -14.86 4.65 -16.88
C ASN A 127 -14.22 3.41 -17.54
N GLU A 128 -14.80 2.23 -17.26
CA GLU A 128 -14.22 1.00 -17.76
C GLU A 128 -14.18 0.94 -19.29
N ASP A 129 -15.05 1.72 -19.96
CA ASP A 129 -15.04 1.80 -21.42
C ASP A 129 -13.79 2.50 -21.97
N LEU A 130 -12.97 3.10 -21.11
CA LEU A 130 -11.78 3.85 -21.54
C LEU A 130 -12.15 4.95 -22.51
N SER A 131 -13.39 5.45 -22.41
CA SER A 131 -13.89 6.44 -23.34
C SER A 131 -14.65 7.60 -22.68
N SER A 132 -15.16 7.42 -21.47
CA SER A 132 -15.97 8.43 -20.81
C SER A 132 -15.52 8.54 -19.36
N TRP A 133 -16.02 9.56 -18.66
CA TRP A 133 -15.56 9.90 -17.32
C TRP A 133 -16.70 9.92 -16.32
N THR A 134 -16.35 9.64 -15.06
CA THR A 134 -17.26 9.87 -13.93
C THR A 134 -16.65 10.94 -13.05
N ALA A 135 -17.32 12.08 -12.98
CA ALA A 135 -16.87 13.21 -12.17
C ALA A 135 -17.61 13.17 -10.84
N ALA A 136 -16.86 13.38 -9.74
CA ALA A 136 -17.43 13.24 -8.40
C ALA A 136 -18.23 14.48 -7.94
N ASP A 137 -18.00 15.64 -8.54
CA ASP A 137 -18.60 16.87 -8.07
C ASP A 137 -18.54 17.89 -9.20
N THR A 138 -19.06 19.10 -8.94
CA THR A 138 -19.17 20.08 -10.02
C THR A 138 -17.82 20.62 -10.50
N ALA A 139 -16.81 20.63 -9.63
CA ALA A 139 -15.47 20.97 -10.07
C ALA A 139 -14.94 19.95 -11.08
N ALA A 140 -15.04 18.67 -10.71
CA ALA A 140 -14.60 17.62 -11.61
C ALA A 140 -15.42 17.60 -12.91
N GLN A 141 -16.65 18.13 -12.90
CA GLN A 141 -17.39 18.27 -14.15
C GLN A 141 -16.76 19.31 -15.05
N ILE A 142 -16.14 20.34 -14.49
CA ILE A 142 -15.38 21.27 -15.33
C ILE A 142 -14.21 20.54 -15.99
N THR A 143 -13.45 19.78 -15.20
CA THR A 143 -12.36 18.99 -15.78
C THR A 143 -12.90 18.04 -16.86
N GLN A 144 -14.03 17.38 -16.59
CA GLN A 144 -14.60 16.46 -17.56
C GLN A 144 -14.91 17.16 -18.88
N ARG A 145 -15.50 18.36 -18.81
CA ARG A 145 -15.78 19.11 -20.03
C ARG A 145 -14.49 19.40 -20.80
N LYS A 146 -13.43 19.81 -20.07
CA LYS A 146 -12.15 20.09 -20.72
C LYS A 146 -11.59 18.84 -21.38
N TRP A 147 -11.64 17.72 -20.67
CA TRP A 147 -11.06 16.48 -21.15
C TRP A 147 -11.87 15.89 -22.31
N GLU A 148 -13.18 16.09 -22.30
CA GLU A 148 -13.99 15.68 -23.45
C GLU A 148 -13.65 16.52 -24.68
N ALA A 149 -13.55 17.84 -24.50
CA ALA A 149 -13.24 18.70 -25.63
C ALA A 149 -11.89 18.32 -26.24
N ALA A 150 -10.90 17.98 -25.41
CA ALA A 150 -9.55 17.67 -25.85
C ALA A 150 -9.34 16.18 -26.13
N ARG A 151 -10.38 15.36 -26.02
CA ARG A 151 -10.27 13.93 -26.33
C ARG A 151 -9.16 13.24 -25.54
N VAL A 152 -9.08 13.58 -24.25
CA VAL A 152 -8.08 12.99 -23.37
C VAL A 152 -8.30 11.48 -23.19
N ALA A 153 -9.56 11.04 -23.17
CA ALA A 153 -9.78 9.61 -22.94
C ALA A 153 -9.15 8.76 -24.03
N GLU A 154 -9.13 9.27 -25.27
CA GLU A 154 -8.55 8.52 -26.38
C GLU A 154 -7.05 8.32 -26.17
N GLN A 155 -6.38 9.34 -25.63
CA GLN A 155 -4.96 9.22 -25.31
C GLN A 155 -4.74 8.20 -24.20
N LEU A 156 -5.58 8.25 -23.16
CA LEU A 156 -5.44 7.29 -22.06
C LEU A 156 -5.68 5.88 -22.56
N ARG A 157 -6.75 5.68 -23.34
CA ARG A 157 -7.04 4.37 -23.89
C ARG A 157 -5.86 3.84 -24.69
N ALA A 158 -5.26 4.68 -25.55
CA ALA A 158 -4.12 4.22 -26.33
C ALA A 158 -2.97 3.76 -25.42
N TYR A 159 -2.71 4.50 -24.33
CA TYR A 159 -1.67 4.09 -23.39
C TYR A 159 -2.05 2.79 -22.70
N LEU A 160 -3.27 2.71 -22.18
CA LEU A 160 -3.67 1.58 -21.35
C LEU A 160 -3.68 0.29 -22.16
N GLU A 161 -4.19 0.35 -23.41
CA GLU A 161 -4.25 -0.85 -24.26
C GLU A 161 -2.95 -1.15 -24.96
N GLY A 162 -2.03 -0.18 -25.01
CA GLY A 162 -0.80 -0.32 -25.78
C GLY A 162 0.41 -0.40 -24.88
N LEU A 163 1.06 0.74 -24.65
CA LEU A 163 2.30 0.80 -23.88
C LEU A 163 2.17 0.10 -22.52
N CYS A 164 1.06 0.34 -21.82
CA CYS A 164 0.93 -0.20 -20.46
C CYS A 164 0.99 -1.72 -20.49
N VAL A 165 0.23 -2.35 -21.39
CA VAL A 165 0.22 -3.80 -21.50
C VAL A 165 1.57 -4.31 -22.00
N GLU A 166 2.15 -3.62 -22.98
CA GLU A 166 3.38 -4.12 -23.58
C GLU A 166 4.50 -4.13 -22.56
N TRP A 167 4.59 -3.04 -21.78
CA TRP A 167 5.65 -2.95 -20.79
C TRP A 167 5.38 -3.86 -19.59
N LEU A 168 4.11 -3.99 -19.18
CA LEU A 168 3.84 -4.95 -18.12
C LEU A 168 4.27 -6.35 -18.52
N ARG A 169 3.98 -6.75 -19.77
CA ARG A 169 4.40 -8.09 -20.20
C ARG A 169 5.91 -8.23 -20.19
N ARG A 170 6.62 -7.18 -20.62
CA ARG A 170 8.08 -7.18 -20.55
C ARG A 170 8.57 -7.38 -19.12
N TYR A 171 8.02 -6.61 -18.18
CA TYR A 171 8.44 -6.72 -16.78
C TYR A 171 8.14 -8.12 -16.24
N LEU A 172 6.97 -8.67 -16.58
CA LEU A 172 6.62 -10.00 -16.08
C LEU A 172 7.60 -11.04 -16.58
N GLU A 173 8.05 -10.89 -17.83
CA GLU A 173 9.06 -11.83 -18.33
C GLU A 173 10.41 -11.61 -17.64
N ASN A 174 10.87 -10.36 -17.54
CA ASN A 174 12.19 -10.10 -16.96
C ASN A 174 12.23 -10.46 -15.48
N GLY A 175 11.11 -10.32 -14.79
CA GLY A 175 11.03 -10.64 -13.38
C GLY A 175 10.31 -11.95 -13.11
N LYS A 176 10.32 -12.88 -14.07
CA LYS A 176 9.45 -14.06 -13.94
C LYS A 176 9.76 -14.90 -12.71
N GLU A 177 11.02 -14.95 -12.25
CA GLU A 177 11.35 -15.81 -11.11
C GLU A 177 10.66 -15.38 -9.83
N THR A 178 10.26 -14.10 -9.75
CA THR A 178 9.59 -13.56 -8.56
C THR A 178 8.17 -13.11 -8.86
N LEU A 179 7.98 -12.34 -9.93
CA LEU A 179 6.65 -11.84 -10.24
C LEU A 179 5.68 -12.95 -10.61
N GLN A 180 6.18 -14.05 -11.17
CA GLN A 180 5.33 -15.17 -11.55
C GLN A 180 5.45 -16.34 -10.58
N ARG A 181 5.83 -16.06 -9.34
CA ARG A 181 5.93 -17.08 -8.29
C ARG A 181 5.05 -16.67 -7.11
N ALA A 182 4.09 -17.52 -6.76
CA ALA A 182 3.29 -17.32 -5.56
C ALA A 182 3.97 -18.09 -4.44
N ASP A 183 4.10 -17.45 -3.29
CA ASP A 183 4.63 -18.09 -2.09
C ASP A 183 3.47 -18.32 -1.14
N PRO A 184 3.12 -19.56 -0.83
CA PRO A 184 1.96 -19.80 0.02
C PRO A 184 2.24 -19.40 1.44
N PRO A 185 1.21 -19.11 2.21
CA PRO A 185 1.40 -18.75 3.62
C PRO A 185 1.89 -19.94 4.43
N LYS A 186 2.77 -19.65 5.40
CA LYS A 186 3.05 -20.56 6.50
C LYS A 186 2.03 -20.26 7.57
N THR A 187 1.28 -21.27 8.01
CA THR A 187 0.12 -21.01 8.86
C THR A 187 0.23 -21.79 10.16
N HIS A 188 -0.35 -21.19 11.20
CA HIS A 188 -0.46 -21.87 12.49
C HIS A 188 -1.48 -21.16 13.35
N VAL A 189 -1.99 -21.85 14.36
CA VAL A 189 -2.94 -21.29 15.31
C VAL A 189 -2.28 -21.20 16.68
N THR A 190 -2.37 -20.04 17.32
CA THR A 190 -1.92 -19.91 18.70
C THR A 190 -3.14 -19.77 19.61
N HIS A 191 -2.91 -20.02 20.89
CA HIS A 191 -3.96 -20.04 21.90
C HIS A 191 -3.44 -19.29 23.11
N HIS A 192 -4.24 -18.35 23.60
CA HIS A 192 -3.84 -17.54 24.76
C HIS A 192 -5.05 -17.32 25.64
N PRO A 193 -5.08 -17.82 26.87
CA PRO A 193 -6.24 -17.56 27.72
C PRO A 193 -6.40 -16.07 27.98
N VAL A 194 -7.64 -15.64 28.01
CA VAL A 194 -7.97 -14.27 28.43
C VAL A 194 -8.41 -14.29 29.89
N SER A 195 -8.98 -15.42 30.32
CA SER A 195 -9.46 -15.63 31.68
C SER A 195 -9.66 -17.13 31.83
N ASP A 196 -10.25 -17.55 32.96
CA ASP A 196 -10.47 -18.97 33.19
C ASP A 196 -11.46 -19.58 32.24
N HIS A 197 -12.30 -18.77 31.62
CA HIS A 197 -13.35 -19.34 30.81
C HIS A 197 -13.40 -18.80 29.39
N GLU A 198 -12.43 -17.99 28.97
CA GLU A 198 -12.29 -17.64 27.55
C GLU A 198 -10.84 -17.66 27.13
N ALA A 199 -10.63 -17.94 25.84
CA ALA A 199 -9.30 -17.94 25.25
C ALA A 199 -9.33 -17.31 23.87
N THR A 200 -8.25 -16.67 23.48
CA THR A 200 -8.08 -16.18 22.13
C THR A 200 -7.43 -17.25 21.27
N LEU A 201 -8.05 -17.59 20.15
CA LEU A 201 -7.42 -18.35 19.09
C LEU A 201 -7.03 -17.36 18.00
N ARG A 202 -5.77 -17.40 17.59
CA ARG A 202 -5.27 -16.49 16.56
C ARG A 202 -4.69 -17.35 15.44
N CYS A 203 -5.24 -17.20 14.25
CA CYS A 203 -4.80 -17.90 13.07
C CYS A 203 -3.84 -17.01 12.29
N TRP A 204 -2.61 -17.46 12.12
CA TRP A 204 -1.54 -16.70 11.51
C TRP A 204 -1.25 -17.21 10.11
N ALA A 205 -0.96 -16.26 9.22
CA ALA A 205 -0.46 -16.51 7.88
C ALA A 205 0.77 -15.63 7.68
N LEU A 206 1.91 -16.25 7.38
CA LEU A 206 3.18 -15.54 7.30
C LEU A 206 3.89 -15.87 6.00
N GLY A 207 4.66 -14.91 5.49
CA GLY A 207 5.59 -15.26 4.41
C GLY A 207 4.95 -15.46 3.06
N PHE A 208 3.76 -14.90 2.82
CA PHE A 208 3.04 -15.17 1.58
C PHE A 208 3.17 -14.02 0.58
N TYR A 209 3.05 -14.36 -0.69
CA TYR A 209 3.04 -13.41 -1.79
C TYR A 209 2.18 -14.05 -2.87
N PRO A 210 1.28 -13.31 -3.53
CA PRO A 210 0.99 -11.88 -3.33
C PRO A 210 0.17 -11.62 -2.07
N ALA A 211 -0.21 -10.36 -1.86
CA ALA A 211 -0.84 -9.97 -0.61
C ALA A 211 -2.27 -10.49 -0.45
N GLU A 212 -2.99 -10.72 -1.54
CA GLU A 212 -4.38 -11.16 -1.42
C GLU A 212 -4.47 -12.49 -0.68
N ILE A 213 -5.31 -12.55 0.36
CA ILE A 213 -5.47 -13.76 1.15
C ILE A 213 -6.84 -13.68 1.80
N THR A 214 -7.42 -14.83 2.10
CA THR A 214 -8.63 -14.87 2.92
C THR A 214 -8.37 -15.77 4.12
N LEU A 215 -8.59 -15.22 5.32
CA LEU A 215 -8.46 -15.94 6.58
C LEU A 215 -9.82 -15.84 7.25
N THR A 216 -10.42 -16.98 7.58
CA THR A 216 -11.70 -16.95 8.24
C THR A 216 -11.76 -17.98 9.36
N TRP A 217 -12.49 -17.65 10.41
CA TRP A 217 -12.79 -18.58 11.48
C TRP A 217 -14.21 -19.09 11.32
N GLN A 218 -14.39 -20.39 11.53
CA GLN A 218 -15.70 -21.01 11.60
C GLN A 218 -15.87 -21.62 12.99
N ARG A 219 -17.09 -21.51 13.51
CA ARG A 219 -17.50 -22.21 14.73
C ARG A 219 -18.58 -23.19 14.32
N ASP A 220 -18.34 -24.47 14.55
CA ASP A 220 -19.29 -25.51 14.12
C ASP A 220 -19.61 -25.36 12.64
N GLY A 221 -18.61 -24.99 11.86
CA GLY A 221 -18.75 -24.89 10.41
C GLY A 221 -19.43 -23.65 9.89
N GLU A 222 -19.71 -22.68 10.76
CA GLU A 222 -20.36 -21.43 10.38
C GLU A 222 -19.37 -20.27 10.52
N ASP A 223 -19.26 -19.45 9.46
CA ASP A 223 -18.32 -18.33 9.49
C ASP A 223 -18.65 -17.39 10.63
N GLN A 224 -17.60 -16.91 11.31
CA GLN A 224 -17.72 -16.01 12.47
C GLN A 224 -17.41 -14.58 12.10
N THR A 225 -17.95 -14.13 10.97
CA THR A 225 -17.52 -12.86 10.39
C THR A 225 -17.61 -11.73 11.40
N GLN A 226 -18.76 -11.61 12.07
CA GLN A 226 -18.98 -10.46 12.93
C GLN A 226 -18.28 -10.61 14.28
N ASP A 227 -17.67 -11.76 14.57
CA ASP A 227 -17.00 -12.00 15.83
C ASP A 227 -15.49 -12.16 15.68
N THR A 228 -14.96 -11.92 14.50
CA THR A 228 -13.54 -12.11 14.22
C THR A 228 -12.82 -10.77 14.16
N GLU A 229 -11.67 -10.69 14.83
CA GLU A 229 -10.77 -9.55 14.67
C GLU A 229 -9.77 -9.89 13.58
N LEU A 230 -9.77 -9.10 12.52
CA LEU A 230 -8.93 -9.35 11.35
C LEU A 230 -8.02 -8.14 11.19
N VAL A 231 -6.68 -8.32 11.35
CA VAL A 231 -5.76 -7.18 11.16
C VAL A 231 -5.54 -6.94 9.68
N GLU A 232 -5.23 -5.70 9.32
CA GLU A 232 -4.83 -5.39 7.95
C GLU A 232 -3.61 -6.21 7.56
N THR A 233 -3.61 -6.72 6.32
CA THR A 233 -2.43 -7.38 5.80
C THR A 233 -1.25 -6.43 5.81
N ARG A 234 -0.07 -6.90 6.23
CA ARG A 234 1.04 -6.00 6.47
C ARG A 234 2.31 -6.55 5.83
N PRO A 235 3.20 -5.68 5.38
CA PRO A 235 4.42 -6.15 4.71
C PRO A 235 5.49 -6.56 5.71
N ALA A 236 6.17 -7.68 5.41
CA ALA A 236 7.27 -8.12 6.26
C ALA A 236 8.57 -7.37 5.96
N GLY A 237 8.72 -6.86 4.73
CA GLY A 237 9.93 -6.17 4.33
C GLY A 237 10.83 -6.98 3.43
N ASP A 238 10.48 -8.24 3.19
CA ASP A 238 11.23 -9.15 2.34
C ASP A 238 10.44 -9.55 1.10
N ARG A 239 9.42 -8.73 0.77
CA ARG A 239 8.46 -8.89 -0.32
C ARG A 239 7.18 -9.57 0.14
N THR A 240 7.26 -10.34 1.23
CA THR A 240 6.10 -11.13 1.62
C THR A 240 5.22 -10.33 2.59
N PHE A 241 4.06 -10.93 2.90
CA PHE A 241 3.05 -10.31 3.72
C PHE A 241 2.70 -11.20 4.90
N GLN A 242 2.02 -10.59 5.88
CA GLN A 242 1.59 -11.27 7.09
C GLN A 242 0.17 -10.84 7.40
N LYS A 243 -0.60 -11.75 8.02
CA LYS A 243 -1.94 -11.42 8.45
C LYS A 243 -2.32 -12.37 9.57
N TRP A 244 -3.22 -11.93 10.45
CA TRP A 244 -3.82 -12.85 11.38
C TRP A 244 -5.29 -12.52 11.60
N ALA A 245 -6.02 -13.54 12.06
CA ALA A 245 -7.45 -13.43 12.39
C ALA A 245 -7.64 -14.05 13.76
N ALA A 246 -8.39 -13.39 14.64
CA ALA A 246 -8.52 -13.89 16.00
C ALA A 246 -9.98 -13.93 16.44
N VAL A 247 -10.30 -14.94 17.24
CA VAL A 247 -11.62 -15.04 17.87
C VAL A 247 -11.40 -15.32 19.34
N VAL A 248 -12.33 -14.82 20.17
CA VAL A 248 -12.36 -15.14 21.59
C VAL A 248 -13.42 -16.21 21.81
N VAL A 249 -13.03 -17.34 22.38
CA VAL A 249 -13.87 -18.52 22.43
C VAL A 249 -14.04 -18.99 23.87
N PRO A 250 -15.16 -19.63 24.19
CA PRO A 250 -15.31 -20.23 25.53
C PRO A 250 -14.28 -21.34 25.74
N SER A 251 -13.62 -21.34 26.91
CA SER A 251 -12.66 -22.38 27.21
C SER A 251 -13.34 -23.74 27.19
N GLY A 252 -12.68 -24.73 26.60
CA GLY A 252 -13.26 -26.04 26.42
C GLY A 252 -13.98 -26.20 25.10
N GLU A 253 -14.17 -25.12 24.35
CA GLU A 253 -14.82 -25.19 23.04
C GLU A 253 -13.84 -24.98 21.90
N GLU A 254 -12.53 -24.93 22.19
CA GLU A 254 -11.55 -24.63 21.16
C GLU A 254 -11.68 -25.56 19.96
N GLN A 255 -12.01 -26.84 20.19
CA GLN A 255 -12.02 -27.75 19.06
C GLN A 255 -13.20 -27.55 18.13
N ARG A 256 -14.17 -26.71 18.49
CA ARG A 256 -15.28 -26.40 17.60
C ARG A 256 -14.92 -25.32 16.59
N TYR A 257 -13.71 -24.78 16.66
CA TYR A 257 -13.28 -23.70 15.79
C TYR A 257 -12.26 -24.17 14.78
N THR A 258 -12.43 -23.73 13.55
CA THR A 258 -11.50 -24.03 12.47
C THR A 258 -11.15 -22.76 11.72
N CYS A 259 -9.89 -22.63 11.37
CA CYS A 259 -9.43 -21.51 10.57
C CYS A 259 -9.25 -21.97 9.13
N HIS A 260 -9.69 -21.13 8.20
CA HIS A 260 -9.71 -21.44 6.79
C HIS A 260 -8.88 -20.41 6.04
N VAL A 261 -7.97 -20.91 5.21
CA VAL A 261 -7.01 -20.07 4.52
C VAL A 261 -7.13 -20.31 3.03
N GLN A 262 -7.31 -19.21 2.27
CA GLN A 262 -7.29 -19.27 0.82
C GLN A 262 -6.19 -18.34 0.34
N HIS A 263 -5.36 -18.86 -0.55
CA HIS A 263 -4.27 -18.09 -1.14
C HIS A 263 -3.88 -18.71 -2.47
N GLU A 264 -3.46 -17.86 -3.41
CA GLU A 264 -3.13 -18.33 -4.75
C GLU A 264 -2.02 -19.37 -4.73
N GLY A 265 -1.12 -19.32 -3.73
CA GLY A 265 -0.02 -20.27 -3.66
C GLY A 265 -0.37 -21.63 -3.08
N LEU A 266 -1.59 -21.81 -2.60
CA LEU A 266 -2.07 -23.08 -2.06
C LEU A 266 -2.78 -23.87 -3.16
N PRO A 267 -2.56 -25.18 -3.25
CA PRO A 267 -3.31 -25.97 -4.23
C PRO A 267 -4.78 -26.08 -3.88
N LYS A 268 -5.10 -26.11 -2.60
CA LYS A 268 -6.47 -26.15 -2.12
C LYS A 268 -6.52 -25.33 -0.84
N PRO A 269 -7.70 -24.80 -0.50
CA PRO A 269 -7.82 -24.08 0.77
C PRO A 269 -7.41 -24.97 1.93
N LEU A 270 -6.79 -24.34 2.93
CA LEU A 270 -6.36 -25.07 4.11
C LEU A 270 -7.37 -24.90 5.23
N THR A 271 -7.51 -25.93 6.04
CA THR A 271 -8.24 -25.87 7.29
C THR A 271 -7.27 -26.20 8.41
N LEU A 272 -7.21 -25.36 9.44
CA LEU A 272 -6.33 -25.58 10.58
C LEU A 272 -7.14 -25.45 11.86
N ARG A 273 -6.59 -26.03 12.92
CA ARG A 273 -7.18 -25.92 14.25
C ARG A 273 -6.06 -25.71 15.23
N TRP A 274 -6.42 -25.32 16.44
CA TRP A 274 -5.43 -25.27 17.50
C TRP A 274 -5.01 -26.68 17.85
N GLU A 275 -3.70 -26.89 17.91
CA GLU A 275 -3.09 -28.19 18.20
C GLU A 275 -2.38 -28.10 19.54
N PRO A 276 -3.06 -28.43 20.65
CA PRO A 276 -2.40 -28.40 21.95
C PRO A 276 -1.26 -29.42 22.01
N SER A 277 -0.17 -29.02 22.65
CA SER A 277 1.00 -29.88 22.76
C SER A 277 0.75 -31.00 23.77
N ILE B 1 -12.23 15.49 6.93
CA ILE B 1 -11.31 15.45 5.80
C ILE B 1 -9.99 14.79 6.14
N GLN B 2 -9.80 14.43 7.42
CA GLN B 2 -8.55 13.84 7.86
C GLN B 2 -8.76 12.47 8.49
N ARG B 3 -7.78 11.60 8.31
CA ARG B 3 -7.87 10.21 8.74
C ARG B 3 -6.66 9.87 9.58
N THR B 4 -6.90 9.22 10.77
CA THR B 4 -5.80 9.01 11.68
C THR B 4 -5.11 7.67 11.37
N PRO B 5 -3.80 7.55 11.64
CA PRO B 5 -3.10 6.32 11.27
C PRO B 5 -3.48 5.13 12.13
N LYS B 6 -3.59 3.98 11.46
CA LYS B 6 -3.50 2.68 12.09
C LYS B 6 -2.02 2.33 12.22
N ILE B 7 -1.67 1.62 13.30
CA ILE B 7 -0.28 1.33 13.62
C ILE B 7 -0.16 -0.14 13.99
N GLN B 8 0.75 -0.85 13.33
CA GLN B 8 1.11 -2.21 13.76
C GLN B 8 2.61 -2.27 13.95
N VAL B 9 3.05 -2.88 15.05
CA VAL B 9 4.47 -3.04 15.38
C VAL B 9 4.76 -4.52 15.48
N TYR B 10 5.73 -5.00 14.71
CA TYR B 10 5.93 -6.44 14.57
C TYR B 10 7.32 -6.68 14.00
N SER B 11 7.71 -7.95 13.88
CA SER B 11 9.02 -8.26 13.33
C SER B 11 8.88 -8.98 11.99
N ARG B 12 9.96 -8.94 11.20
CA ARG B 12 9.93 -9.57 9.89
C ARG B 12 9.76 -11.08 9.99
N HIS B 13 10.43 -11.69 10.96
CA HIS B 13 10.36 -13.11 11.26
C HIS B 13 9.92 -13.26 12.71
N PRO B 14 9.35 -14.41 13.09
CA PRO B 14 9.07 -14.65 14.51
C PRO B 14 10.32 -14.40 15.33
N ALA B 15 10.14 -13.70 16.44
CA ALA B 15 11.27 -13.27 17.25
C ALA B 15 11.90 -14.46 17.97
N GLU B 16 13.23 -14.52 17.95
CA GLU B 16 14.00 -15.49 18.72
C GLU B 16 15.14 -14.72 19.38
N ASN B 17 15.23 -14.81 20.70
CA ASN B 17 16.22 -14.00 21.40
C ASN B 17 17.61 -14.30 20.88
N GLY B 18 18.38 -13.25 20.58
CA GLY B 18 19.74 -13.40 20.09
C GLY B 18 19.86 -13.62 18.60
N LYS B 19 18.76 -13.64 17.85
CA LYS B 19 18.80 -13.85 16.41
C LYS B 19 18.44 -12.54 15.75
N SER B 20 19.25 -12.12 14.78
CA SER B 20 19.00 -10.86 14.11
C SER B 20 17.67 -10.94 13.35
N ASN B 21 17.05 -9.78 13.18
CA ASN B 21 15.67 -9.67 12.69
C ASN B 21 15.50 -8.23 12.26
N PHE B 22 14.28 -7.87 11.87
CA PHE B 22 13.92 -6.49 11.58
C PHE B 22 12.69 -6.15 12.38
N LEU B 23 12.71 -4.98 12.99
CA LEU B 23 11.54 -4.43 13.66
C LEU B 23 10.83 -3.50 12.69
N ASN B 24 9.53 -3.71 12.54
CA ASN B 24 8.69 -3.00 11.59
C ASN B 24 7.62 -2.23 12.32
N CYS B 25 7.37 -1.01 11.86
CA CYS B 25 6.20 -0.24 12.26
C CYS B 25 5.49 0.16 10.99
N TYR B 26 4.31 -0.42 10.77
CA TYR B 26 3.51 -0.18 9.57
C TYR B 26 2.41 0.80 9.95
N VAL B 27 2.42 1.97 9.30
CA VAL B 27 1.41 3.00 9.54
C VAL B 27 0.56 3.07 8.27
N SER B 28 -0.76 3.07 8.44
CA SER B 28 -1.61 3.02 7.25
C SER B 28 -2.93 3.71 7.53
N GLY B 29 -3.68 3.94 6.47
CA GLY B 29 -5.02 4.49 6.64
C GLY B 29 -5.07 5.96 6.98
N PHE B 30 -3.98 6.69 6.81
CA PHE B 30 -3.94 8.09 7.24
C PHE B 30 -4.03 9.05 6.07
N HIS B 31 -4.45 10.27 6.39
CA HIS B 31 -4.51 11.34 5.40
C HIS B 31 -4.61 12.64 6.18
N PRO B 32 -3.83 13.67 5.85
CA PRO B 32 -2.86 13.78 4.76
C PRO B 32 -1.58 12.99 5.03
N SER B 33 -0.57 13.14 4.16
CA SER B 33 0.55 12.22 4.14
C SER B 33 1.68 12.55 5.12
N ASP B 34 1.78 13.78 5.59
CA ASP B 34 2.86 14.10 6.51
C ASP B 34 2.66 13.33 7.81
N ILE B 35 3.72 12.69 8.29
CA ILE B 35 3.63 11.84 9.47
C ILE B 35 5.02 11.71 10.03
N GLU B 36 5.12 11.59 11.35
CA GLU B 36 6.41 11.46 12.02
C GLU B 36 6.41 10.13 12.73
N VAL B 37 7.37 9.28 12.41
CA VAL B 37 7.45 7.95 13.00
C VAL B 37 8.85 7.73 13.54
N ASP B 38 8.94 7.32 14.80
CA ASP B 38 10.21 6.93 15.42
C ASP B 38 10.08 5.50 15.90
N LEU B 39 11.18 4.77 15.84
CA LEU B 39 11.25 3.47 16.50
C LEU B 39 12.05 3.66 17.78
N LEU B 40 11.58 3.04 18.85
CA LEU B 40 12.18 3.23 20.17
C LEU B 40 12.70 1.90 20.69
N LYS B 41 13.83 1.97 21.40
CA LYS B 41 14.37 0.86 22.18
C LYS B 41 14.52 1.36 23.60
N ASN B 42 13.82 0.72 24.53
CA ASN B 42 13.85 1.12 25.93
C ASN B 42 13.63 2.63 26.08
N GLY B 43 12.69 3.15 25.28
CA GLY B 43 12.27 4.53 25.38
C GLY B 43 13.10 5.51 24.59
N GLU B 44 14.17 5.08 23.95
CA GLU B 44 15.07 6.00 23.27
C GLU B 44 14.99 5.80 21.76
N ARG B 45 15.10 6.91 21.02
CA ARG B 45 14.97 6.85 19.57
C ARG B 45 16.13 6.08 18.96
N ILE B 46 15.79 5.15 18.07
CA ILE B 46 16.77 4.42 17.28
C ILE B 46 17.16 5.31 16.10
N GLU B 47 18.46 5.50 15.88
CA GLU B 47 18.91 6.42 14.84
C GLU B 47 18.79 5.83 13.44
N LYS B 48 19.09 4.54 13.28
CA LYS B 48 19.19 3.97 11.95
C LYS B 48 17.84 3.34 11.64
N VAL B 49 16.95 4.14 11.07
CA VAL B 49 15.62 3.68 10.69
C VAL B 49 15.37 4.10 9.25
N GLU B 50 14.89 3.19 8.44
CA GLU B 50 14.56 3.47 7.06
C GLU B 50 13.05 3.36 6.88
N HIS B 51 12.56 3.86 5.75
CA HIS B 51 11.14 3.70 5.48
C HIS B 51 10.91 3.51 3.99
N SER B 52 9.76 2.94 3.67
CA SER B 52 9.34 2.71 2.31
C SER B 52 8.95 4.02 1.64
N ASP B 53 8.78 3.95 0.32
CA ASP B 53 8.36 5.11 -0.47
C ASP B 53 6.86 5.28 -0.35
N LEU B 54 6.42 6.54 -0.23
CA LEU B 54 5.02 6.85 0.00
C LEU B 54 4.12 6.26 -1.07
N SER B 55 3.12 5.49 -0.64
CA SER B 55 2.09 5.02 -1.55
C SER B 55 0.76 5.08 -0.81
N PHE B 56 -0.29 4.61 -1.48
CA PHE B 56 -1.62 4.73 -0.90
C PHE B 56 -2.51 3.61 -1.40
N SER B 57 -3.59 3.42 -0.66
CA SER B 57 -4.58 2.38 -0.88
C SER B 57 -5.69 2.89 -1.80
N LYS B 58 -6.58 1.98 -2.18
CA LYS B 58 -7.65 2.36 -3.11
C LYS B 58 -8.63 3.37 -2.52
N ASP B 59 -8.63 3.57 -1.20
CA ASP B 59 -9.44 4.62 -0.60
C ASP B 59 -8.66 5.92 -0.41
N TRP B 60 -7.48 6.03 -1.02
CA TRP B 60 -6.64 7.21 -1.05
C TRP B 60 -5.83 7.38 0.24
N SER B 61 -6.01 6.53 1.25
CA SER B 61 -5.24 6.70 2.47
C SER B 61 -3.83 6.15 2.27
N PHE B 62 -2.88 6.80 2.93
CA PHE B 62 -1.46 6.50 2.75
C PHE B 62 -1.00 5.36 3.62
N TYR B 63 0.08 4.72 3.19
CA TYR B 63 0.75 3.75 4.05
C TYR B 63 2.27 3.86 3.91
N LEU B 64 2.95 3.53 5.00
CA LEU B 64 4.41 3.53 5.05
C LEU B 64 4.89 2.45 6.01
N LEU B 65 5.99 1.81 5.64
CA LEU B 65 6.67 0.87 6.52
C LEU B 65 7.97 1.49 7.00
N TYR B 66 8.12 1.61 8.31
CA TYR B 66 9.39 2.02 8.91
C TYR B 66 10.04 0.77 9.50
N TYR B 67 11.36 0.67 9.39
CA TYR B 67 11.98 -0.58 9.80
C TYR B 67 13.42 -0.38 10.19
N THR B 68 13.89 -1.25 11.07
CA THR B 68 15.29 -1.22 11.47
C THR B 68 15.73 -2.63 11.82
N GLU B 69 17.00 -2.91 11.58
CA GLU B 69 17.56 -4.20 11.98
C GLU B 69 17.73 -4.23 13.50
N PHE B 70 17.46 -5.39 14.11
CA PHE B 70 17.62 -5.49 15.55
C PHE B 70 17.77 -6.94 15.95
N THR B 71 18.32 -7.15 17.14
CA THR B 71 18.43 -8.48 17.73
C THR B 71 17.66 -8.48 19.03
N PRO B 72 16.45 -9.04 19.05
CA PRO B 72 15.64 -9.00 20.27
C PRO B 72 16.31 -9.79 21.39
N THR B 73 16.06 -9.35 22.62
CA THR B 73 16.47 -10.04 23.83
C THR B 73 15.27 -10.16 24.76
N GLU B 74 15.45 -10.91 25.84
CA GLU B 74 14.36 -11.13 26.78
C GLU B 74 13.87 -9.81 27.40
N LYS B 75 14.80 -8.94 27.78
CA LYS B 75 14.43 -7.76 28.55
C LYS B 75 14.24 -6.49 27.73
N ASP B 76 14.86 -6.38 26.55
CA ASP B 76 14.73 -5.15 25.79
C ASP B 76 13.30 -4.97 25.31
N GLU B 77 12.79 -3.76 25.44
CA GLU B 77 11.47 -3.37 24.94
C GLU B 77 11.63 -2.46 23.74
N TYR B 78 10.70 -2.57 22.81
CA TYR B 78 10.70 -1.74 21.61
C TYR B 78 9.31 -1.18 21.39
N ALA B 79 9.25 -0.10 20.62
CA ALA B 79 7.98 0.59 20.40
C ALA B 79 8.07 1.40 19.12
N CYS B 80 6.90 1.81 18.63
CA CYS B 80 6.77 2.77 17.55
C CYS B 80 6.04 4.00 18.09
N ARG B 81 6.60 5.19 17.84
CA ARG B 81 6.00 6.46 18.26
C ARG B 81 5.58 7.23 17.01
N VAL B 82 4.31 7.60 16.93
CA VAL B 82 3.75 8.19 15.71
C VAL B 82 3.10 9.53 16.05
N ASN B 83 3.39 10.55 15.25
CA ASN B 83 2.67 11.79 15.34
C ASN B 83 2.08 12.13 13.97
N HIS B 84 0.92 12.76 14.00
CA HIS B 84 0.16 13.08 12.81
C HIS B 84 -0.76 14.24 13.18
N VAL B 85 -1.20 14.99 12.17
CA VAL B 85 -2.02 16.17 12.46
C VAL B 85 -3.29 15.78 13.21
N THR B 86 -3.76 14.54 13.04
CA THR B 86 -4.96 14.07 13.70
C THR B 86 -4.75 13.71 15.16
N LEU B 87 -3.51 13.69 15.66
CA LEU B 87 -3.20 13.25 17.01
C LEU B 87 -2.80 14.48 17.84
N SER B 88 -3.44 14.63 18.99
CA SER B 88 -3.09 15.76 19.85
C SER B 88 -1.76 15.55 20.53
N GLN B 89 -1.34 14.29 20.67
CA GLN B 89 -0.05 13.95 21.26
C GLN B 89 0.44 12.69 20.57
N PRO B 90 1.74 12.46 20.55
CA PRO B 90 2.26 11.24 19.91
C PRO B 90 1.66 9.99 20.53
N LYS B 91 1.38 9.01 19.68
CA LYS B 91 0.86 7.72 20.10
C LYS B 91 2.01 6.73 20.12
N ILE B 92 2.17 6.04 21.24
CA ILE B 92 3.25 5.07 21.39
C ILE B 92 2.63 3.69 21.45
N VAL B 93 3.06 2.80 20.56
CA VAL B 93 2.56 1.45 20.50
C VAL B 93 3.73 0.51 20.77
N LYS B 94 3.63 -0.26 21.85
CA LYS B 94 4.70 -1.17 22.24
C LYS B 94 4.71 -2.42 21.35
N TRP B 95 5.90 -2.91 21.06
CA TRP B 95 6.03 -4.18 20.32
C TRP B 95 5.62 -5.32 21.22
N ASP B 96 4.64 -6.10 20.77
CA ASP B 96 4.24 -7.35 21.41
C ASP B 96 4.69 -8.47 20.47
N ARG B 97 5.65 -9.26 20.92
CA ARG B 97 6.20 -10.28 20.02
C ARG B 97 5.21 -11.41 19.70
N ASP B 98 3.91 -11.23 20.03
CA ASP B 98 2.84 -12.16 19.66
C ASP B 98 1.68 -11.48 18.94
N MET B 99 1.93 -10.33 18.32
CA MET B 99 0.87 -9.58 17.63
C MET B 99 1.33 -9.13 16.23
N LYS C 1 6.30 1.26 -17.55
CA LYS C 1 6.52 2.56 -18.18
C LYS C 1 5.34 3.48 -17.93
N ALA C 2 5.63 4.69 -17.45
CA ALA C 2 4.59 5.61 -17.01
C ALA C 2 3.84 6.23 -18.21
N GLY C 3 2.62 6.66 -17.92
CA GLY C 3 1.81 7.40 -18.88
C GLY C 3 2.00 8.89 -18.72
N GLN C 4 1.01 9.66 -19.21
CA GLN C 4 1.11 11.10 -19.26
C GLN C 4 0.17 11.76 -18.26
N VAL C 5 0.46 13.01 -17.93
CA VAL C 5 -0.35 13.83 -17.02
C VAL C 5 -0.83 15.05 -17.82
N VAL C 6 -2.12 15.35 -17.73
CA VAL C 6 -2.68 16.55 -18.35
C VAL C 6 -3.20 17.48 -17.26
N THR C 7 -3.47 18.72 -17.66
CA THR C 7 -4.01 19.69 -16.73
C THR C 7 -5.50 19.40 -16.48
N ILE C 8 -5.94 19.62 -15.24
CA ILE C 8 -7.35 19.49 -14.85
C ILE C 8 -8.19 20.72 -15.23
C1 GOL D . 0.11 -1.35 -4.54
O1 GOL D . -0.88 -1.17 -3.54
C2 GOL D . -0.08 -2.76 -4.99
O2 GOL D . -0.01 -3.60 -3.88
C3 GOL D . -1.42 -2.80 -5.70
O3 GOL D . -1.74 -4.16 -5.80
H11 GOL D . 1.01 -1.22 -4.20
H12 GOL D . 0.02 -0.74 -5.28
HO1 GOL D . -0.60 -0.55 -3.04
H2 GOL D . 0.61 -3.03 -5.63
HO2 GOL D . 0.82 -3.70 -3.67
H31 GOL D . -1.36 -2.34 -6.56
H32 GOL D . -2.08 -2.28 -5.19
HO3 GOL D . -1.06 -4.55 -6.13
C1 GOL E . -5.06 14.19 -12.55
O1 GOL E . -4.30 13.36 -11.79
C2 GOL E . -4.48 14.64 -13.93
O2 GOL E . -3.45 15.61 -13.79
C3 GOL E . -4.06 13.63 -15.01
O3 GOL E . -4.20 12.44 -14.50
H11 GOL E . -5.26 15.01 -12.08
H12 GOL E . -5.92 13.78 -12.75
HO1 GOL E . -3.92 12.82 -12.31
H2 GOL E . -5.33 14.96 -14.28
HO2 GOL E . -2.71 15.20 -13.73
H31 GOL E . -3.15 13.83 -15.28
H32 GOL E . -4.61 13.78 -15.80
HO3 GOL E . -4.87 12.08 -14.89
C1 GOL F . -9.78 31.49 -4.67
O1 GOL F . -10.37 31.30 -5.97
C2 GOL F . -10.57 32.65 -3.99
O2 GOL F . -11.94 32.43 -4.12
C3 GOL F . -10.15 32.75 -2.50
O3 GOL F . -8.92 33.47 -2.50
H11 GOL F . -8.85 31.73 -4.72
H12 GOL F . -9.84 30.70 -4.12
HO1 GOL F . -10.99 30.72 -5.88
H2 GOL F . -10.33 33.48 -4.43
HO2 GOL F . -12.25 32.25 -3.34
H31 GOL F . -10.08 31.86 -2.12
H32 GOL F . -10.84 33.19 -1.99
HO3 GOL F . -8.30 32.89 -2.56
#